data_8DIK
#
_entry.id   8DIK
#
_cell.length_a   24.592
_cell.length_b   62.947
_cell.length_c   78.013
_cell.angle_alpha   90.00
_cell.angle_beta   89.96
_cell.angle_gamma   90.00
#
_symmetry.space_group_name_H-M   'P 1 21 1'
#
loop_
_entity.id
_entity.type
_entity.pdbx_description
1 polymer 'Aerotaxis receptor'
2 non-polymer 'FLAVIN-ADENINE DINUCLEOTIDE'
3 water water
#
_entity_poly.entity_id   1
_entity_poly.type   'polypeptide(L)'
_entity_poly.pdbx_seq_one_letter_code
;TQQNTPLADDTTLMSTTDLQGYITHANDTFVQVSGYTLQELQGQPHNMVRHPDMPKAVFADMWFTLKKGEPWSGIVKNRR
KNGDHYWVRANVVPMVREGKISGYMSIRTRATDEEIAAVEPLYKALN
;
_entity_poly.pdbx_strand_id   A,B
#
loop_
_chem_comp.id
_chem_comp.type
_chem_comp.name
_chem_comp.formula
FAD non-polymer 'FLAVIN-ADENINE DINUCLEOTIDE' 'C27 H33 N9 O15 P2'
#
# COMPACT_ATOMS: atom_id res chain seq x y z
N THR A 1 5.43 -2.53 -6.50
CA THR A 1 4.26 -2.75 -5.64
C THR A 1 3.08 -1.92 -6.11
N GLN A 2 1.88 -2.46 -5.92
CA GLN A 2 0.64 -1.75 -6.23
C GLN A 2 -0.17 -1.46 -4.97
N GLN A 3 0.41 -1.64 -3.79
CA GLN A 3 -0.33 -1.51 -2.55
C GLN A 3 -0.65 -0.04 -2.26
N ASN A 4 -1.54 0.15 -1.30
CA ASN A 4 -2.04 1.48 -0.95
C ASN A 4 -1.10 2.17 0.00
N THR A 5 -0.92 3.48 -0.21
CA THR A 5 -0.18 4.32 0.73
C THR A 5 -1.18 5.17 1.49
N PRO A 6 -1.47 4.86 2.75
CA PRO A 6 -2.45 5.67 3.49
C PRO A 6 -1.92 7.07 3.75
N LEU A 7 -2.70 8.07 3.35
CA LEU A 7 -2.33 9.46 3.50
C LEU A 7 -2.85 10.00 4.83
N ALA A 8 -2.16 11.01 5.36
CA ALA A 8 -2.54 11.62 6.61
C ALA A 8 -3.75 12.53 6.41
N ASP A 9 -4.32 12.98 7.54
CA ASP A 9 -5.48 13.86 7.48
C ASP A 9 -5.12 15.24 6.95
N ASP A 10 -3.90 15.70 7.19
CA ASP A 10 -3.46 17.01 6.75
C ASP A 10 -2.85 16.99 5.35
N THR A 11 -2.96 15.88 4.64
CA THR A 11 -2.38 15.78 3.30
C THR A 11 -3.13 16.70 2.34
N THR A 12 -2.41 17.65 1.75
CA THR A 12 -2.99 18.62 0.82
C THR A 12 -2.04 18.75 -0.36
N LEU A 13 -2.33 18.00 -1.42
CA LEU A 13 -1.52 18.04 -2.64
C LEU A 13 -2.02 19.16 -3.54
N MET A 14 -1.10 20.03 -3.97
CA MET A 14 -1.44 21.15 -4.83
C MET A 14 -0.43 21.26 -5.96
N SER A 15 -0.94 21.57 -7.15
CA SER A 15 -0.09 21.71 -8.32
C SER A 15 -0.74 22.71 -9.27
N THR A 16 0.04 23.15 -10.26
CA THR A 16 -0.45 24.04 -11.30
C THR A 16 0.04 23.56 -12.66
N THR A 17 -0.85 23.55 -13.63
CA THR A 17 -0.55 23.18 -15.00
C THR A 17 -0.88 24.33 -15.94
N ASP A 18 -0.43 24.22 -17.18
CA ASP A 18 -0.74 25.19 -18.21
C ASP A 18 -2.05 24.79 -18.91
N LEU A 19 -2.34 25.40 -20.04
CA LEU A 19 -3.59 25.13 -20.74
C LEU A 19 -3.62 23.77 -21.43
N GLN A 20 -2.47 23.10 -21.53
CA GLN A 20 -2.40 21.76 -22.13
C GLN A 20 -2.22 20.66 -21.09
N GLY A 21 -2.21 21.00 -19.80
CA GLY A 21 -2.08 20.01 -18.76
C GLY A 21 -0.68 19.71 -18.30
N TYR A 22 0.32 20.46 -18.77
CA TYR A 22 1.71 20.24 -18.38
C TYR A 22 2.00 20.98 -17.08
N ILE A 23 2.58 20.27 -16.11
CA ILE A 23 2.77 20.83 -14.77
C ILE A 23 3.72 22.02 -14.83
N THR A 24 3.32 23.12 -14.18
CA THR A 24 4.16 24.29 -14.05
C THR A 24 4.72 24.49 -12.65
N HIS A 25 4.05 23.96 -11.63
CA HIS A 25 4.54 24.03 -10.26
C HIS A 25 3.88 22.93 -9.44
N ALA A 26 4.47 22.64 -8.29
CA ALA A 26 3.97 21.58 -7.42
C ALA A 26 4.41 21.87 -5.99
N ASN A 27 3.50 21.68 -5.04
CA ASN A 27 3.83 21.92 -3.65
C ASN A 27 4.64 20.74 -3.09
N ASP A 28 5.20 20.96 -1.90
CA ASP A 28 6.14 19.99 -1.33
C ASP A 28 5.48 18.65 -1.01
N THR A 29 4.21 18.67 -0.59
CA THR A 29 3.53 17.42 -0.29
C THR A 29 3.28 16.60 -1.55
N PHE A 30 2.99 17.26 -2.67
CA PHE A 30 2.86 16.54 -3.94
C PHE A 30 4.19 15.94 -4.36
N VAL A 31 5.30 16.58 -4.03
CA VAL A 31 6.61 16.03 -4.35
C VAL A 31 6.89 14.79 -3.49
N GLN A 32 6.51 14.84 -2.22
CA GLN A 32 6.79 13.72 -1.32
C GLN A 32 5.88 12.53 -1.61
N VAL A 33 4.59 12.78 -1.82
CA VAL A 33 3.63 11.69 -2.02
C VAL A 33 3.85 11.03 -3.38
N SER A 34 3.96 11.85 -4.44
CA SER A 34 4.13 11.29 -5.77
C SER A 34 5.48 10.60 -5.93
N GLY A 35 6.49 11.00 -5.16
CA GLY A 35 7.83 10.49 -5.33
C GLY A 35 8.66 11.24 -6.35
N TYR A 36 8.05 12.09 -7.16
CA TYR A 36 8.76 12.88 -8.15
C TYR A 36 9.14 14.24 -7.58
N THR A 37 10.34 14.69 -7.92
CA THR A 37 10.80 16.00 -7.49
C THR A 37 10.14 17.09 -8.32
N LEU A 38 10.44 18.34 -8.00
CA LEU A 38 9.79 19.46 -8.69
C LEU A 38 10.29 19.58 -10.14
N GLN A 39 11.61 19.48 -10.34
CA GLN A 39 12.14 19.64 -11.69
C GLN A 39 11.74 18.48 -12.60
N GLU A 40 11.49 17.30 -12.03
CA GLU A 40 10.98 16.18 -12.83
C GLU A 40 9.52 16.38 -13.22
N LEU A 41 8.77 17.17 -12.46
CA LEU A 41 7.36 17.42 -12.74
C LEU A 41 7.17 18.61 -13.69
N GLN A 42 7.99 19.65 -13.54
CA GLN A 42 7.85 20.84 -14.37
C GLN A 42 8.11 20.50 -15.83
N GLY A 43 7.22 20.97 -16.70
CA GLY A 43 7.32 20.66 -18.11
C GLY A 43 6.83 19.29 -18.51
N GLN A 44 6.10 18.60 -17.62
CA GLN A 44 5.58 17.27 -17.88
C GLN A 44 4.08 17.25 -17.66
N PRO A 45 3.35 16.43 -18.42
CA PRO A 45 1.90 16.35 -18.23
C PRO A 45 1.56 15.70 -16.91
N HIS A 46 0.33 15.96 -16.45
CA HIS A 46 -0.14 15.43 -15.17
C HIS A 46 -0.60 13.98 -15.26
N ASN A 47 -0.26 13.27 -16.35
CA ASN A 47 -0.63 11.87 -16.49
C ASN A 47 0.46 10.91 -16.01
N MET A 48 1.69 11.41 -15.79
CA MET A 48 2.70 10.59 -15.14
C MET A 48 2.29 10.21 -13.72
N VAL A 49 1.35 10.94 -13.14
CA VAL A 49 0.76 10.58 -11.85
C VAL A 49 -0.44 9.65 -12.03
N ARG A 50 -1.03 9.59 -13.22
CA ARG A 50 -2.25 8.83 -13.42
C ARG A 50 -2.02 7.34 -13.22
N HIS A 51 -2.89 6.72 -12.42
CA HIS A 51 -2.91 5.27 -12.29
C HIS A 51 -3.61 4.65 -13.50
N PRO A 52 -3.08 3.54 -14.03
CA PRO A 52 -3.71 2.94 -15.22
C PRO A 52 -5.13 2.46 -14.99
N ASP A 53 -5.55 2.28 -13.74
CA ASP A 53 -6.92 1.84 -13.46
C ASP A 53 -7.95 2.95 -13.66
N MET A 54 -7.53 4.20 -13.78
CA MET A 54 -8.48 5.30 -13.90
C MET A 54 -9.12 5.30 -15.28
N PRO A 55 -10.44 5.45 -15.38
CA PRO A 55 -11.10 5.43 -16.68
C PRO A 55 -10.79 6.68 -17.49
N LYS A 56 -10.99 6.55 -18.81
CA LYS A 56 -10.84 7.69 -19.69
C LYS A 56 -12.01 8.66 -19.57
N ALA A 57 -13.18 8.15 -19.19
CA ALA A 57 -14.37 8.99 -19.10
C ALA A 57 -14.28 10.01 -17.97
N VAL A 58 -13.45 9.75 -16.95
CA VAL A 58 -13.32 10.70 -15.85
C VAL A 58 -12.58 11.95 -16.30
N PHE A 59 -11.50 11.78 -17.06
CA PHE A 59 -10.72 12.92 -17.52
C PHE A 59 -11.38 13.62 -18.70
N ALA A 60 -12.16 12.89 -19.51
CA ALA A 60 -12.85 13.53 -20.62
C ALA A 60 -13.93 14.49 -20.12
N ASP A 61 -14.60 14.14 -19.03
CA ASP A 61 -15.60 15.03 -18.45
C ASP A 61 -14.95 16.21 -17.72
N MET A 62 -13.75 16.01 -17.18
CA MET A 62 -13.07 17.11 -16.49
C MET A 62 -12.69 18.23 -17.46
N TRP A 63 -12.05 17.86 -18.58
CA TRP A 63 -11.65 18.88 -19.54
C TRP A 63 -12.84 19.51 -20.24
N PHE A 64 -13.93 18.74 -20.40
CA PHE A 64 -15.17 19.33 -20.92
C PHE A 64 -15.70 20.40 -19.97
N THR A 65 -15.61 20.14 -18.67
CA THR A 65 -16.06 21.14 -17.69
C THR A 65 -15.04 22.27 -17.56
N LEU A 66 -13.75 21.95 -17.64
CA LEU A 66 -12.73 22.99 -17.50
C LEU A 66 -12.71 23.93 -18.70
N LYS A 67 -12.91 23.40 -19.91
CA LYS A 67 -12.93 24.25 -21.09
C LYS A 67 -14.17 25.11 -21.16
N LYS A 68 -15.22 24.78 -20.40
CA LYS A 68 -16.37 25.65 -20.25
C LYS A 68 -16.15 26.71 -19.19
N GLY A 69 -14.96 26.76 -18.57
CA GLY A 69 -14.69 27.72 -17.52
C GLY A 69 -15.22 27.35 -16.16
N GLU A 70 -15.67 26.11 -15.97
CA GLU A 70 -16.29 25.69 -14.73
C GLU A 70 -15.37 24.76 -13.94
N PRO A 71 -15.44 24.81 -12.61
CA PRO A 71 -14.57 23.94 -11.80
C PRO A 71 -15.05 22.49 -11.83
N TRP A 72 -14.11 21.58 -11.59
CA TRP A 72 -14.37 20.15 -11.62
C TRP A 72 -13.83 19.50 -10.35
N SER A 73 -14.50 18.43 -9.93
CA SER A 73 -14.08 17.67 -8.76
C SER A 73 -14.50 16.22 -8.95
N GLY A 74 -13.73 15.31 -8.35
CA GLY A 74 -14.02 13.90 -8.45
C GLY A 74 -12.96 13.09 -7.74
N ILE A 75 -13.28 11.82 -7.51
CA ILE A 75 -12.40 10.89 -6.80
C ILE A 75 -11.44 10.28 -7.81
N VAL A 76 -10.14 10.49 -7.58
CA VAL A 76 -9.10 10.11 -8.54
C VAL A 76 -8.16 9.11 -7.88
N LYS A 77 -7.72 8.12 -8.65
CA LYS A 77 -6.71 7.15 -8.23
C LYS A 77 -5.41 7.49 -8.95
N ASN A 78 -4.35 7.68 -8.17
CA ASN A 78 -3.06 8.12 -8.71
C ASN A 78 -2.00 7.04 -8.50
N ARG A 79 -0.80 7.31 -9.02
CA ARG A 79 0.29 6.35 -9.02
C ARG A 79 1.59 7.05 -8.63
N ARG A 80 2.37 6.41 -7.77
CA ARG A 80 3.64 6.94 -7.32
C ARG A 80 4.77 6.44 -8.24
N LYS A 81 5.99 6.91 -7.96
CA LYS A 81 7.14 6.53 -8.79
C LYS A 81 7.42 5.04 -8.67
N ASN A 82 7.47 4.52 -7.45
CA ASN A 82 7.54 3.08 -7.26
C ASN A 82 6.29 2.39 -7.78
N GLY A 83 5.18 3.11 -7.89
CA GLY A 83 3.96 2.59 -8.48
C GLY A 83 2.84 2.31 -7.51
N ASP A 84 3.02 2.58 -6.22
CA ASP A 84 1.92 2.45 -5.28
C ASP A 84 0.82 3.43 -5.64
N HIS A 85 -0.41 3.09 -5.23
CA HIS A 85 -1.58 3.88 -5.57
C HIS A 85 -2.10 4.62 -4.34
N TYR A 86 -2.68 5.79 -4.58
CA TYR A 86 -3.30 6.57 -3.53
C TYR A 86 -4.48 7.32 -4.10
N TRP A 87 -5.63 7.22 -3.44
CA TRP A 87 -6.85 7.86 -3.89
C TRP A 87 -6.94 9.28 -3.34
N VAL A 88 -7.42 10.20 -4.18
CA VAL A 88 -7.59 11.60 -3.80
C VAL A 88 -8.89 12.11 -4.41
N ARG A 89 -9.32 13.27 -3.92
CA ARG A 89 -10.40 14.03 -4.54
C ARG A 89 -9.80 15.31 -5.10
N ALA A 90 -9.64 15.36 -6.41
CA ALA A 90 -9.04 16.52 -7.06
C ALA A 90 -10.06 17.65 -7.17
N ASN A 91 -9.60 18.89 -6.95
CA ASN A 91 -10.42 20.08 -7.06
C ASN A 91 -9.74 21.02 -8.03
N VAL A 92 -9.97 20.79 -9.32
CA VAL A 92 -9.33 21.58 -10.38
C VAL A 92 -10.19 22.79 -10.70
N VAL A 93 -9.59 23.98 -10.64
CA VAL A 93 -10.31 25.22 -10.89
C VAL A 93 -9.57 26.01 -11.97
N PRO A 94 -10.27 26.53 -12.98
CA PRO A 94 -9.59 27.30 -14.02
C PRO A 94 -9.01 28.60 -13.47
N MET A 95 -7.76 28.87 -13.82
CA MET A 95 -7.09 30.10 -13.42
C MET A 95 -7.31 31.16 -14.49
N VAL A 96 -7.80 32.33 -14.07
CA VAL A 96 -8.16 33.41 -14.97
C VAL A 96 -7.22 34.59 -14.73
N ARG A 97 -6.67 35.13 -15.82
CA ARG A 97 -5.80 36.31 -15.76
C ARG A 97 -6.18 37.26 -16.87
N GLU A 98 -6.52 38.50 -16.50
CA GLU A 98 -6.91 39.54 -17.44
C GLU A 98 -8.10 39.08 -18.30
N GLY A 99 -9.08 38.47 -17.65
CA GLY A 99 -10.26 37.98 -18.32
C GLY A 99 -10.08 36.72 -19.14
N LYS A 100 -8.89 36.15 -19.19
CA LYS A 100 -8.60 34.97 -19.99
C LYS A 100 -8.17 33.81 -19.09
N ILE A 101 -8.70 32.62 -19.37
CA ILE A 101 -8.33 31.41 -18.65
C ILE A 101 -6.86 31.13 -18.91
N SER A 102 -6.00 31.43 -17.93
CA SER A 102 -4.56 31.25 -18.08
C SER A 102 -4.10 29.84 -17.73
N GLY A 103 -4.91 29.06 -17.03
CA GLY A 103 -4.51 27.71 -16.67
C GLY A 103 -5.49 27.12 -15.66
N TYR A 104 -5.00 26.11 -14.94
CA TYR A 104 -5.81 25.39 -13.97
C TYR A 104 -4.97 25.04 -12.75
N MET A 105 -5.50 25.37 -11.57
CA MET A 105 -4.90 24.99 -10.30
C MET A 105 -5.78 23.93 -9.65
N SER A 106 -5.16 23.07 -8.83
CA SER A 106 -5.90 21.97 -8.20
C SER A 106 -5.36 21.73 -6.80
N ILE A 107 -6.27 21.46 -5.87
CA ILE A 107 -5.95 21.09 -4.50
C ILE A 107 -6.53 19.71 -4.24
N ARG A 108 -5.68 18.75 -3.95
CA ARG A 108 -6.07 17.34 -3.81
C ARG A 108 -5.88 16.89 -2.37
N THR A 109 -6.99 16.63 -1.70
CA THR A 109 -6.97 16.07 -0.35
C THR A 109 -7.06 14.55 -0.42
N ARG A 110 -6.96 13.90 0.74
CA ARG A 110 -7.09 12.45 0.81
C ARG A 110 -8.55 12.05 0.62
N ALA A 111 -8.77 11.03 -0.20
CA ALA A 111 -10.10 10.54 -0.46
C ALA A 111 -10.56 9.66 0.69
N THR A 112 -11.71 9.99 1.27
CA THR A 112 -12.37 9.06 2.16
C THR A 112 -12.59 7.76 1.41
N ASP A 113 -12.33 6.63 2.08
CA ASP A 113 -12.48 5.35 1.41
C ASP A 113 -13.92 5.07 0.99
N GLU A 114 -14.89 5.81 1.54
CA GLU A 114 -16.28 5.57 1.15
C GLU A 114 -16.58 6.18 -0.22
N GLU A 115 -15.89 7.26 -0.59
CA GLU A 115 -15.97 7.75 -1.96
C GLU A 115 -15.29 6.79 -2.94
N ILE A 116 -14.35 5.97 -2.45
CA ILE A 116 -13.70 4.99 -3.33
C ILE A 116 -14.65 3.86 -3.66
N ALA A 117 -15.32 3.30 -2.63
CA ALA A 117 -16.23 2.18 -2.84
C ALA A 117 -17.46 2.56 -3.64
N ALA A 118 -17.73 3.85 -3.80
CA ALA A 118 -18.88 4.30 -4.58
C ALA A 118 -18.55 4.50 -6.05
N VAL A 119 -17.29 4.80 -6.37
CA VAL A 119 -16.89 5.02 -7.76
C VAL A 119 -16.24 3.80 -8.39
N GLU A 120 -15.70 2.88 -7.60
CA GLU A 120 -15.07 1.69 -8.16
C GLU A 120 -16.04 0.85 -8.99
N PRO A 121 -17.28 0.58 -8.57
CA PRO A 121 -18.22 -0.05 -9.50
C PRO A 121 -18.59 0.83 -10.67
N LEU A 122 -18.60 2.15 -10.48
CA LEU A 122 -18.87 3.07 -11.58
C LEU A 122 -17.68 3.19 -12.52
N TYR A 123 -16.46 3.15 -11.97
CA TYR A 123 -15.27 3.30 -12.81
C TYR A 123 -15.08 2.10 -13.73
N LYS A 124 -15.30 0.89 -13.21
CA LYS A 124 -15.21 -0.30 -14.07
C LYS A 124 -16.36 -0.34 -15.08
N ALA A 125 -17.40 0.46 -14.88
CA ALA A 125 -18.46 0.63 -15.86
C ALA A 125 -18.23 1.82 -16.78
N LEU A 126 -17.11 2.54 -16.61
CA LEU A 126 -16.83 3.73 -17.39
C LEU A 126 -15.80 3.45 -18.49
N ASN A 127 -14.57 3.13 -18.10
CA ASN A 127 -13.53 2.79 -19.06
C ASN A 127 -13.94 1.58 -19.91
N THR B 12 5.99 -30.00 11.69
CA THR B 12 6.28 -28.88 10.81
C THR B 12 5.20 -27.80 10.96
N LEU B 13 5.64 -26.54 11.10
CA LEU B 13 4.74 -25.41 11.30
C LEU B 13 4.55 -24.71 9.95
N MET B 14 3.39 -24.93 9.34
CA MET B 14 3.07 -24.37 8.04
C MET B 14 1.93 -23.37 8.18
N SER B 15 2.09 -22.21 7.54
CA SER B 15 1.03 -21.22 7.60
C SER B 15 0.93 -20.50 6.27
N THR B 16 -0.27 -20.05 5.96
CA THR B 16 -0.54 -19.32 4.73
C THR B 16 -1.34 -18.08 5.05
N THR B 17 -0.81 -16.92 4.65
CA THR B 17 -1.46 -15.64 4.86
C THR B 17 -1.68 -14.98 3.50
N ASP B 18 -2.18 -13.75 3.52
CA ASP B 18 -2.41 -12.96 2.34
C ASP B 18 -1.35 -11.85 2.23
N LEU B 19 -1.65 -10.80 1.47
CA LEU B 19 -0.67 -9.75 1.20
C LEU B 19 -0.52 -8.76 2.35
N GLN B 20 -1.48 -8.75 3.28
CA GLN B 20 -1.53 -7.76 4.35
C GLN B 20 -1.11 -8.31 5.70
N GLY B 21 -0.98 -9.62 5.84
CA GLY B 21 -0.56 -10.23 7.10
C GLY B 21 -1.63 -11.02 7.82
N TYR B 22 -2.81 -11.19 7.23
CA TYR B 22 -3.89 -11.93 7.85
C TYR B 22 -3.89 -13.37 7.36
N ILE B 23 -4.04 -14.30 8.29
CA ILE B 23 -3.85 -15.72 8.00
C ILE B 23 -5.05 -16.25 7.24
N THR B 24 -4.78 -17.04 6.19
CA THR B 24 -5.81 -17.68 5.38
C THR B 24 -6.03 -19.14 5.77
N HIS B 25 -4.95 -19.90 5.96
CA HIS B 25 -5.07 -21.30 6.35
C HIS B 25 -3.87 -21.70 7.19
N ALA B 26 -4.05 -22.77 7.95
CA ALA B 26 -3.00 -23.32 8.80
C ALA B 26 -3.27 -24.80 9.02
N ASN B 27 -2.20 -25.59 9.04
CA ASN B 27 -2.33 -27.04 9.18
C ASN B 27 -2.53 -27.38 10.67
N ASP B 28 -2.54 -28.68 10.97
CA ASP B 28 -2.92 -29.13 12.31
C ASP B 28 -1.82 -28.83 13.34
N THR B 29 -0.55 -29.01 12.96
CA THR B 29 0.53 -28.82 13.91
C THR B 29 0.60 -27.37 14.40
N PHE B 30 0.43 -26.41 13.47
CA PHE B 30 0.37 -25.01 13.88
C PHE B 30 -0.79 -24.77 14.84
N VAL B 31 -1.95 -25.37 14.55
CA VAL B 31 -3.10 -25.22 15.44
C VAL B 31 -2.81 -25.85 16.80
N GLN B 32 -2.24 -27.06 16.80
CA GLN B 32 -2.01 -27.76 18.07
C GLN B 32 -1.00 -27.03 18.94
N VAL B 33 0.11 -26.55 18.34
CA VAL B 33 1.11 -25.87 19.15
C VAL B 33 0.62 -24.47 19.55
N SER B 34 0.11 -23.69 18.59
CA SER B 34 -0.30 -22.33 18.90
C SER B 34 -1.45 -22.30 19.91
N GLY B 35 -2.28 -23.34 19.94
CA GLY B 35 -3.42 -23.36 20.82
C GLY B 35 -4.66 -22.71 20.26
N TYR B 36 -4.58 -22.08 19.09
CA TYR B 36 -5.72 -21.49 18.41
C TYR B 36 -6.23 -22.44 17.35
N THR B 37 -7.55 -22.45 17.16
CA THR B 37 -8.11 -23.31 16.14
C THR B 37 -7.96 -22.66 14.76
N LEU B 38 -8.28 -23.44 13.73
CA LEU B 38 -8.22 -22.94 12.36
C LEU B 38 -9.21 -21.79 12.15
N GLN B 39 -10.35 -21.84 12.85
CA GLN B 39 -11.34 -20.77 12.69
C GLN B 39 -10.91 -19.50 13.40
N GLU B 40 -10.29 -19.62 14.58
CA GLU B 40 -9.77 -18.44 15.26
C GLU B 40 -8.61 -17.82 14.48
N LEU B 41 -7.80 -18.64 13.82
CA LEU B 41 -6.61 -18.13 13.15
C LEU B 41 -6.94 -17.50 11.79
N GLN B 42 -7.99 -17.97 11.13
CA GLN B 42 -8.34 -17.45 9.81
C GLN B 42 -8.93 -16.05 9.96
N GLY B 43 -8.51 -15.14 9.07
CA GLY B 43 -8.94 -13.76 9.13
C GLY B 43 -8.27 -12.92 10.20
N GLN B 44 -7.28 -13.48 10.90
CA GLN B 44 -6.57 -12.82 11.97
C GLN B 44 -5.11 -12.58 11.59
N PRO B 45 -4.51 -11.50 12.09
CA PRO B 45 -3.10 -11.24 11.77
C PRO B 45 -2.20 -12.30 12.37
N HIS B 46 -1.05 -12.49 11.73
CA HIS B 46 -0.06 -13.48 12.17
C HIS B 46 0.73 -13.01 13.38
N ASN B 47 0.26 -12.00 14.11
CA ASN B 47 0.94 -11.49 15.29
C ASN B 47 0.28 -11.94 16.59
N MET B 48 -0.79 -12.74 16.51
CA MET B 48 -1.33 -13.33 17.73
C MET B 48 -0.43 -14.42 18.28
N VAL B 49 0.34 -15.08 17.40
CA VAL B 49 1.37 -16.01 17.84
C VAL B 49 2.65 -15.31 18.25
N ARG B 50 2.70 -13.99 18.20
CA ARG B 50 3.91 -13.25 18.49
C ARG B 50 4.16 -13.14 19.98
N HIS B 51 5.42 -13.28 20.37
CA HIS B 51 5.91 -13.05 21.73
C HIS B 51 6.36 -11.59 21.87
N PRO B 52 6.11 -10.95 23.01
CA PRO B 52 6.48 -9.54 23.15
C PRO B 52 7.97 -9.28 23.11
N ASP B 53 8.82 -10.30 23.30
CA ASP B 53 10.25 -10.09 23.35
C ASP B 53 10.90 -10.03 21.98
N MET B 54 10.21 -10.49 20.94
CA MET B 54 10.77 -10.41 19.59
C MET B 54 10.78 -8.97 19.12
N PRO B 55 11.89 -8.48 18.57
CA PRO B 55 11.98 -7.06 18.22
C PRO B 55 11.25 -6.73 16.93
N LYS B 56 11.01 -5.43 16.75
CA LYS B 56 10.32 -4.94 15.56
C LYS B 56 11.23 -4.94 14.34
N ALA B 57 12.54 -4.74 14.53
CA ALA B 57 13.46 -4.71 13.40
C ALA B 57 13.57 -6.06 12.72
N VAL B 58 13.39 -7.16 13.46
CA VAL B 58 13.40 -8.48 12.85
C VAL B 58 12.22 -8.63 11.90
N PHE B 59 11.03 -8.21 12.34
CA PHE B 59 9.87 -8.25 11.46
C PHE B 59 9.89 -7.14 10.42
N ALA B 60 10.62 -6.04 10.69
CA ALA B 60 10.78 -5.00 9.67
C ALA B 60 11.66 -5.50 8.53
N ASP B 61 12.80 -6.11 8.86
CA ASP B 61 13.62 -6.73 7.83
C ASP B 61 12.90 -7.89 7.16
N MET B 62 12.02 -8.56 7.90
CA MET B 62 11.23 -9.65 7.32
C MET B 62 10.33 -9.14 6.20
N TRP B 63 9.53 -8.11 6.49
CA TRP B 63 8.62 -7.60 5.47
C TRP B 63 9.36 -6.84 4.38
N PHE B 64 10.48 -6.19 4.73
CA PHE B 64 11.30 -5.58 3.68
C PHE B 64 11.80 -6.63 2.71
N THR B 65 12.26 -7.77 3.22
CA THR B 65 12.68 -8.86 2.34
C THR B 65 11.51 -9.45 1.58
N LEU B 66 10.34 -9.51 2.21
CA LEU B 66 9.17 -10.09 1.54
C LEU B 66 8.61 -9.14 0.49
N LYS B 67 8.72 -7.83 0.71
CA LYS B 67 8.35 -6.83 -0.28
C LYS B 67 9.36 -6.73 -1.42
N LYS B 68 10.29 -7.68 -1.49
CA LYS B 68 11.24 -7.80 -2.59
C LYS B 68 10.97 -8.99 -3.49
N GLY B 69 10.11 -9.92 -3.07
CA GLY B 69 10.08 -11.25 -3.64
C GLY B 69 11.16 -12.16 -3.11
N GLU B 70 12.05 -11.66 -2.27
CA GLU B 70 13.14 -12.47 -1.71
C GLU B 70 12.65 -13.24 -0.50
N PRO B 71 12.99 -14.53 -0.39
CA PRO B 71 12.58 -15.29 0.80
C PRO B 71 13.28 -14.77 2.05
N TRP B 72 12.73 -15.18 3.20
CA TRP B 72 13.23 -14.74 4.50
C TRP B 72 13.46 -15.95 5.39
N SER B 73 14.47 -15.83 6.26
CA SER B 73 14.80 -16.87 7.22
C SER B 73 15.21 -16.23 8.54
N GLY B 74 14.94 -16.93 9.63
CA GLY B 74 15.31 -16.42 10.94
C GLY B 74 14.72 -17.19 12.10
N ILE B 75 15.31 -17.03 13.28
CA ILE B 75 14.84 -17.69 14.49
C ILE B 75 13.85 -16.76 15.17
N VAL B 76 12.60 -17.22 15.32
CA VAL B 76 11.52 -16.41 15.87
C VAL B 76 11.03 -17.07 17.15
N LYS B 77 10.70 -16.23 18.14
CA LYS B 77 10.11 -16.68 19.40
C LYS B 77 8.62 -16.42 19.36
N ASN B 78 7.82 -17.47 19.43
CA ASN B 78 6.37 -17.37 19.28
C ASN B 78 5.67 -17.69 20.59
N ARG B 79 4.53 -17.02 20.80
CA ARG B 79 3.71 -17.24 21.98
C ARG B 79 2.53 -18.14 21.66
N ARG B 80 2.25 -19.08 22.57
CA ARG B 80 1.14 -20.01 22.43
C ARG B 80 -0.18 -19.35 22.78
N LYS B 81 -1.17 -20.16 23.15
CA LYS B 81 -2.44 -19.66 23.68
C LYS B 81 -2.43 -19.68 25.21
N ASN B 82 -2.20 -20.84 25.81
CA ASN B 82 -2.18 -20.99 27.27
C ASN B 82 -1.07 -20.19 27.95
N GLY B 83 -0.28 -19.39 27.25
CA GLY B 83 0.73 -18.58 27.90
C GLY B 83 2.07 -19.27 28.02
N ASP B 84 2.72 -19.52 26.89
CA ASP B 84 4.06 -20.10 26.90
C ASP B 84 4.72 -19.81 25.56
N HIS B 85 6.04 -19.98 25.53
CA HIS B 85 6.86 -19.63 24.39
C HIS B 85 7.46 -20.89 23.75
N TYR B 86 7.79 -20.76 22.47
CA TYR B 86 8.49 -21.81 21.73
C TYR B 86 9.27 -21.17 20.60
N TRP B 87 10.57 -21.47 20.55
CA TRP B 87 11.46 -20.89 19.55
C TRP B 87 11.43 -21.72 18.27
N VAL B 88 11.33 -21.03 17.14
CA VAL B 88 11.20 -21.68 15.83
C VAL B 88 12.38 -21.25 14.96
N ARG B 89 12.56 -21.99 13.86
CA ARG B 89 13.42 -21.58 12.75
C ARG B 89 12.51 -21.40 11.54
N ALA B 90 12.26 -20.16 11.16
CA ALA B 90 11.25 -19.84 10.16
C ALA B 90 11.90 -19.62 8.80
N ASN B 91 11.17 -20.03 7.75
CA ASN B 91 11.58 -19.80 6.37
C ASN B 91 10.34 -19.38 5.59
N VAL B 92 10.30 -18.11 5.18
CA VAL B 92 9.11 -17.51 4.59
C VAL B 92 9.39 -17.19 3.12
N VAL B 93 8.39 -17.42 2.27
CA VAL B 93 8.52 -17.20 0.85
C VAL B 93 7.31 -16.37 0.36
N PRO B 94 7.45 -15.70 -0.77
CA PRO B 94 6.29 -15.01 -1.36
C PRO B 94 5.37 -16.00 -2.06
N MET B 95 4.29 -15.47 -2.63
CA MET B 95 3.16 -16.26 -3.16
C MET B 95 2.83 -15.84 -4.57
N VAL B 96 3.57 -16.37 -5.54
CA VAL B 96 3.39 -16.00 -6.95
C VAL B 96 2.20 -16.78 -7.51
N ARG B 97 1.11 -16.07 -7.83
CA ARG B 97 -0.05 -16.65 -8.50
C ARG B 97 -0.38 -15.81 -9.71
N GLU B 98 -0.45 -16.44 -10.88
CA GLU B 98 -0.61 -15.74 -12.16
C GLU B 98 0.47 -14.68 -12.34
N GLY B 99 1.68 -15.02 -11.88
CA GLY B 99 2.79 -14.10 -11.94
C GLY B 99 2.76 -12.99 -10.91
N LYS B 100 2.07 -13.18 -9.80
CA LYS B 100 1.97 -12.12 -8.80
C LYS B 100 1.99 -12.63 -7.37
N ILE B 101 2.66 -11.87 -6.51
CA ILE B 101 2.66 -12.14 -5.08
C ILE B 101 1.26 -11.82 -4.55
N SER B 102 0.52 -12.85 -4.14
CA SER B 102 -0.80 -12.68 -3.56
C SER B 102 -0.84 -12.99 -2.07
N GLY B 103 0.27 -13.43 -1.50
CA GLY B 103 0.31 -13.74 -0.08
C GLY B 103 1.73 -14.04 0.33
N TYR B 104 1.87 -14.80 1.43
CA TYR B 104 3.19 -15.17 1.93
C TYR B 104 3.11 -16.49 2.67
N MET B 105 3.93 -17.45 2.26
CA MET B 105 3.94 -18.80 2.83
C MET B 105 5.12 -18.95 3.76
N SER B 106 4.89 -19.62 4.90
CA SER B 106 5.92 -19.82 5.92
C SER B 106 5.98 -21.28 6.30
N ILE B 107 7.19 -21.85 6.28
CA ILE B 107 7.44 -23.22 6.70
C ILE B 107 8.46 -23.15 7.83
N ARG B 108 8.02 -23.49 9.05
CA ARG B 108 8.84 -23.31 10.23
C ARG B 108 9.26 -24.65 10.83
N THR B 109 10.35 -24.62 11.58
CA THR B 109 10.93 -25.82 12.18
C THR B 109 11.56 -25.41 13.50
N ARG B 110 11.78 -26.39 14.39
CA ARG B 110 12.37 -26.12 15.68
C ARG B 110 13.77 -25.52 15.52
N ALA B 111 14.17 -24.70 16.50
CA ALA B 111 15.46 -24.04 16.48
C ALA B 111 16.43 -24.70 17.46
N THR B 112 17.72 -24.58 17.14
CA THR B 112 18.77 -25.21 17.94
C THR B 112 19.06 -24.37 19.18
N ASP B 113 19.53 -25.04 20.24
CA ASP B 113 20.03 -24.34 21.42
C ASP B 113 21.17 -23.39 21.06
N GLU B 114 21.89 -23.66 19.98
CA GLU B 114 22.92 -22.74 19.51
C GLU B 114 22.32 -21.52 18.81
N GLU B 115 21.31 -21.74 17.98
CA GLU B 115 20.68 -20.63 17.29
C GLU B 115 19.98 -19.69 18.27
N ILE B 116 19.36 -20.24 19.31
CA ILE B 116 18.69 -19.42 20.30
C ILE B 116 19.72 -18.63 21.11
N ALA B 117 20.73 -19.32 21.65
CA ALA B 117 21.74 -18.66 22.48
C ALA B 117 22.53 -17.61 21.72
N ALA B 118 22.51 -17.67 20.39
CA ALA B 118 23.23 -16.69 19.57
C ALA B 118 22.37 -15.52 19.14
N VAL B 119 21.11 -15.47 19.58
CA VAL B 119 20.21 -14.41 19.10
C VAL B 119 19.16 -14.06 20.15
N GLU B 120 18.95 -14.94 21.14
CA GLU B 120 18.04 -14.60 22.22
C GLU B 120 18.68 -13.57 23.14
N PRO B 121 19.99 -13.68 23.46
CA PRO B 121 20.67 -12.54 24.10
C PRO B 121 20.99 -11.43 23.10
N LEU B 122 20.34 -11.48 21.93
CA LEU B 122 20.45 -10.43 20.93
C LEU B 122 19.09 -9.87 20.51
N TYR B 123 18.00 -10.43 21.05
CA TYR B 123 16.67 -9.95 20.70
C TYR B 123 16.10 -9.05 21.79
PA FAD C . -6.51 10.29 -21.87
O1A FAD C . -6.75 9.07 -22.68
O2A FAD C . -5.90 11.47 -22.64
O5B FAD C . -7.84 10.78 -21.19
C5B FAD C . -9.14 10.43 -21.74
C4B FAD C . -9.81 11.67 -22.28
O4B FAD C . -9.30 12.83 -21.61
C3B FAD C . -9.57 11.95 -23.74
O3B FAD C . -10.47 11.21 -24.56
C2B FAD C . -9.85 13.46 -23.84
O2B FAD C . -11.20 13.74 -24.21
C1B FAD C . -9.57 13.96 -22.40
N9A FAD C . -8.45 14.89 -22.31
C8A FAD C . -7.27 14.69 -21.64
N7A FAD C . -6.44 15.71 -21.71
C5A FAD C . -7.13 16.65 -22.47
C6A FAD C . -6.81 17.94 -22.91
N6A FAD C . -5.65 18.55 -22.64
N1A FAD C . -7.72 18.61 -23.66
C2A FAD C . -8.88 18.00 -23.93
N3A FAD C . -9.29 16.78 -23.57
C4A FAD C . -8.38 16.16 -22.84
N1 FAD C . -4.72 13.37 -13.73
C2 FAD C . -4.45 12.42 -12.78
O2 FAD C . -4.49 11.22 -13.03
N3 FAD C . -4.11 12.83 -11.49
C4 FAD C . -4.02 14.11 -11.04
O4 FAD C . -3.71 14.35 -9.87
C4X FAD C . -4.31 15.11 -12.06
N5 FAD C . -4.24 16.37 -11.72
C5X FAD C . -4.51 17.32 -12.70
C6 FAD C . -4.44 18.67 -12.36
C7 FAD C . -4.71 19.66 -13.30
C7M FAD C . -4.62 21.10 -12.89
C8 FAD C . -5.04 19.29 -14.61
C8M FAD C . -5.34 20.34 -15.66
C9 FAD C . -5.12 17.95 -14.96
C9A FAD C . -4.84 16.97 -14.01
N10 FAD C . -4.90 15.59 -14.32
C10 FAD C . -4.64 14.64 -13.38
C1' FAD C . -5.27 15.15 -15.69
C2' FAD C . -4.05 14.97 -16.59
O2' FAD C . -3.60 16.24 -17.08
C3' FAD C . -4.42 14.08 -17.77
O3' FAD C . -5.34 14.76 -18.61
C4' FAD C . -5.02 12.73 -17.36
O4' FAD C . -4.04 11.96 -16.67
C5' FAD C . -5.56 11.96 -18.54
O5' FAD C . -4.57 11.95 -19.59
P FAD C . -4.17 10.61 -20.31
O1P FAD C . -3.46 10.89 -21.64
O2P FAD C . -3.41 9.73 -19.39
O3P FAD C . -5.58 9.95 -20.63
PA FAD D . 4.30 -4.50 14.18
O1A FAD D . 4.45 -3.16 14.79
O2A FAD D . 3.07 -4.68 13.29
O5B FAD D . 5.58 -4.89 13.34
C5B FAD D . 6.86 -4.31 13.63
C4B FAD D . 7.39 -3.63 12.39
O4B FAD D . 7.18 -4.48 11.24
C3B FAD D . 6.72 -2.32 12.01
O3B FAD D . 7.25 -1.24 12.76
C2B FAD D . 7.06 -2.21 10.52
O2B FAD D . 8.31 -1.58 10.30
C1B FAD D . 7.09 -3.67 10.07
N9A FAD D . 5.92 -4.10 9.32
C8A FAD D . 4.80 -4.71 9.80
N7A FAD D . 3.90 -4.98 8.89
C5A FAD D . 4.46 -4.50 7.72
C6A FAD D . 4.01 -4.49 6.38
N6A FAD D . 2.83 -4.98 5.98
N1A FAD D . 4.82 -3.93 5.45
C2A FAD D . 6.00 -3.44 5.84
N3A FAD D . 6.54 -3.41 7.07
C4A FAD D . 5.71 -3.96 7.97
N1 FAD D . 5.37 -13.15 13.55
C2 FAD D . 5.49 -13.94 14.66
O2 FAD D . 5.69 -13.46 15.78
N3 FAD D . 5.38 -15.32 14.53
C4 FAD D . 5.16 -16.02 13.37
O4 FAD D . 5.08 -17.24 13.39
C4X FAD D . 5.03 -15.17 12.20
N5 FAD D . 4.82 -15.75 11.05
C5X FAD D . 4.70 -14.94 9.93
C6 FAD D . 4.47 -15.53 8.69
C7 FAD D . 4.34 -14.77 7.54
C7M FAD D . 4.10 -15.45 6.21
C8 FAD D . 4.44 -13.38 7.62
C8M FAD D . 4.31 -12.51 6.39
C9 FAD D . 4.67 -12.77 8.86
C9A FAD D . 4.80 -13.54 10.00
N10 FAD D . 5.03 -12.97 11.27
C10 FAD D . 5.15 -13.75 12.39
C1' FAD D . 5.15 -11.50 11.41
C2' FAD D . 3.83 -10.83 11.76
O2' FAD D . 3.00 -10.73 10.61
C3' FAD D . 4.11 -9.43 12.30
O3' FAD D . 4.83 -8.69 11.32
C4' FAD D . 4.90 -9.42 13.61
O4' FAD D . 4.43 -10.46 14.46
C5' FAD D . 4.83 -8.08 14.33
O5' FAD D . 3.53 -7.95 14.95
P FAD D . 3.11 -6.63 15.69
O1P FAD D . 1.79 -6.08 15.12
O2P FAD D . 3.09 -6.86 17.15
O3P FAD D . 4.28 -5.62 15.31
#